data_2ACE
#
_entry.id   2ACE
#
_cell.length_a   112.410
_cell.length_b   112.410
_cell.length_c   136.700
_cell.angle_alpha   90.00
_cell.angle_beta   90.00
_cell.angle_gamma   120.00
#
_symmetry.space_group_name_H-M   'P 31 2 1'
#
loop_
_entity.id
_entity.type
_entity.pdbx_description
1 polymer ACETYLCHOLINESTERASE
2 non-polymer ACETYLCHOLINE
3 water water
#
_entity_poly.entity_id   1
_entity_poly.type   'polypeptide(L)'
_entity_poly.pdbx_seq_one_letter_code
;DDHSELLVNTKSGKVMGTRVPVLSSHISAFLGIPFAEPPVGNMRFRRPEPKKPWSGVWNASTYPNNCQQYVDEQFPGFSG
SEMWNPNREMSEDCLYLNIWVPSPRPKSTTVMVWIYGGGFYSGSSTLDVYNGKYLAYTEEVVLVSLSYRVGAFGFLALHG
SQEAPGNVGLLDQRMALQWVHDNIQFFGGDPKTVTIFGESAGGASVGMHILSPGSRDLFRRAILQSGSPNCPWASVSVAE
GRRRAVELGRNLNCNLNSDEELIHCLREKKPQELIDVEWNVLPFDSIFRFSFVPVIDGEFFPTSLESMLNSGNFKKTQIL
LGVNKDEGSFFLLYGAPGFSKDSESKISREDFMSGVKLSVPHANDLGLDAVTLQYTDWMDDNNGIKNRDGLDDIVGDHNV
ICPLMHFVNKYTKFGNGTYLYFFNHRASNLVWPEWMGVIHGYEIEFVFGLPLVKELNYTAEEEALSRRIMHYWATFAKTG
NPNEPHSQESKWPLFTTKEQKFIDLNTEPMKVHQRLRVQMCVFWNQFLPKLLNATAC
;
_entity_poly.pdbx_strand_id   A
#
loop_
_chem_comp.id
_chem_comp.type
_chem_comp.name
_chem_comp.formula
ACH non-polymer ACETYLCHOLINE 'C7 H16 N O2 1'
#
# COMPACT_ATOMS: atom_id res chain seq x y z
N SER A 4 -16.38 -22.06 22.68
CA SER A 4 -17.22 -20.91 22.21
C SER A 4 -16.69 -20.41 20.86
N GLU A 5 -17.60 -19.91 20.04
CA GLU A 5 -17.25 -19.39 18.71
C GLU A 5 -16.26 -18.24 18.83
N LEU A 6 -16.19 -17.64 20.02
CA LEU A 6 -15.30 -16.51 20.25
C LEU A 6 -14.04 -16.87 20.99
N LEU A 7 -13.99 -18.08 21.51
CA LEU A 7 -12.79 -18.48 22.21
C LEU A 7 -12.03 -19.30 21.19
N VAL A 8 -10.78 -18.96 20.93
CA VAL A 8 -10.02 -19.72 19.98
C VAL A 8 -8.68 -20.07 20.58
N ASN A 9 -8.14 -21.22 20.22
CA ASN A 9 -6.85 -21.60 20.75
C ASN A 9 -5.87 -21.45 19.64
N THR A 10 -4.69 -20.97 19.98
CA THR A 10 -3.70 -20.80 18.98
C THR A 10 -2.42 -21.25 19.60
N LYS A 11 -1.39 -21.44 18.81
CA LYS A 11 -0.12 -21.85 19.36
C LYS A 11 0.48 -20.76 20.28
N SER A 12 -0.13 -19.57 20.37
CA SER A 12 0.39 -18.50 21.24
C SER A 12 -0.32 -18.35 22.57
N GLY A 13 -1.59 -18.72 22.58
CA GLY A 13 -2.39 -18.65 23.79
C GLY A 13 -3.83 -18.63 23.33
N LYS A 14 -4.77 -18.61 24.26
CA LYS A 14 -6.18 -18.55 23.87
C LYS A 14 -6.46 -17.08 23.55
N VAL A 15 -7.53 -16.83 22.80
CA VAL A 15 -7.86 -15.50 22.36
C VAL A 15 -9.36 -15.41 22.48
N MET A 16 -9.86 -14.29 22.98
CA MET A 16 -11.30 -14.11 23.17
C MET A 16 -11.77 -13.00 22.27
N GLY A 17 -12.51 -13.35 21.24
CA GLY A 17 -12.98 -12.36 20.32
C GLY A 17 -14.25 -11.72 20.80
N THR A 18 -14.98 -11.15 19.86
CA THR A 18 -16.24 -10.51 20.14
C THR A 18 -16.99 -10.70 18.86
N ARG A 19 -18.30 -10.63 18.93
CA ARG A 19 -19.04 -10.83 17.70
C ARG A 19 -19.57 -9.49 17.29
N VAL A 20 -19.35 -9.14 16.04
CA VAL A 20 -19.78 -7.85 15.54
C VAL A 20 -21.00 -8.03 14.64
N PRO A 21 -21.91 -7.06 14.64
CA PRO A 21 -23.10 -7.19 13.78
C PRO A 21 -22.71 -6.77 12.39
N VAL A 22 -23.23 -7.44 11.37
CA VAL A 22 -22.93 -7.12 9.98
C VAL A 22 -24.21 -7.29 9.20
N LEU A 23 -24.50 -6.34 8.33
CA LEU A 23 -25.68 -6.37 7.48
C LEU A 23 -26.82 -7.26 7.99
N SER A 24 -27.39 -6.91 9.12
CA SER A 24 -28.49 -7.73 9.64
C SER A 24 -28.05 -9.16 9.89
N SER A 25 -26.96 -9.31 10.63
CA SER A 25 -26.42 -10.62 10.92
C SER A 25 -25.20 -10.35 11.77
N HIS A 26 -24.32 -11.32 11.95
CA HIS A 26 -23.15 -11.07 12.79
C HIS A 26 -21.98 -11.96 12.40
N ILE A 27 -20.82 -11.71 13.02
CA ILE A 27 -19.66 -12.53 12.77
C ILE A 27 -18.75 -12.34 13.94
N SER A 28 -17.67 -13.11 14.00
CA SER A 28 -16.74 -13.00 15.10
C SER A 28 -15.67 -12.05 14.67
N ALA A 29 -14.97 -11.46 15.63
CA ALA A 29 -13.90 -10.55 15.33
C ALA A 29 -12.96 -10.80 16.45
N PHE A 30 -11.71 -11.01 16.11
CA PHE A 30 -10.69 -11.23 17.12
C PHE A 30 -9.83 -10.04 16.75
N LEU A 31 -9.87 -8.98 17.55
CA LEU A 31 -9.14 -7.78 17.19
C LEU A 31 -8.02 -7.48 18.14
N GLY A 32 -6.90 -7.07 17.59
CA GLY A 32 -5.75 -6.76 18.40
C GLY A 32 -4.93 -7.93 18.92
N ILE A 33 -4.85 -9.02 18.16
CA ILE A 33 -4.06 -10.18 18.61
C ILE A 33 -2.63 -9.81 18.32
N PRO A 34 -1.73 -9.91 19.27
CA PRO A 34 -0.35 -9.55 18.95
C PRO A 34 0.46 -10.63 18.22
N PHE A 35 1.37 -10.23 17.35
CA PHE A 35 2.18 -11.19 16.62
C PHE A 35 3.66 -10.99 16.83
N ALA A 36 4.02 -9.99 17.63
CA ALA A 36 5.42 -9.69 17.91
C ALA A 36 5.61 -9.04 19.26
N GLU A 37 6.83 -9.05 19.76
CA GLU A 37 7.08 -8.39 21.03
C GLU A 37 6.98 -6.90 20.72
N PRO A 38 6.39 -6.11 21.63
CA PRO A 38 6.24 -4.67 21.45
C PRO A 38 7.61 -4.15 21.18
N PRO A 39 7.82 -3.53 20.02
CA PRO A 39 9.09 -2.96 19.55
C PRO A 39 9.54 -1.66 20.23
N VAL A 40 9.28 -1.58 21.53
CA VAL A 40 9.61 -0.40 22.29
C VAL A 40 11.05 -0.41 22.83
N GLY A 41 11.41 0.66 23.53
CA GLY A 41 12.72 0.78 24.12
C GLY A 41 13.88 0.46 23.21
N ASN A 42 14.83 -0.32 23.72
CA ASN A 42 16.02 -0.69 22.94
C ASN A 42 15.70 -1.53 21.72
N MET A 43 14.45 -1.93 21.58
CA MET A 43 14.08 -2.73 20.43
C MET A 43 13.67 -1.86 19.23
N ARG A 44 13.59 -0.54 19.43
CA ARG A 44 13.22 0.35 18.34
C ARG A 44 14.21 0.21 17.22
N PHE A 45 13.69 0.10 16.00
CA PHE A 45 14.47 -0.07 14.80
C PHE A 45 14.88 -1.53 14.62
N ARG A 46 14.79 -2.32 15.68
CA ARG A 46 15.16 -3.74 15.62
C ARG A 46 14.19 -4.62 14.86
N ARG A 47 14.66 -5.78 14.42
CA ARG A 47 13.78 -6.67 13.71
C ARG A 47 12.73 -7.13 14.67
N PRO A 48 11.57 -7.51 14.14
CA PRO A 48 10.53 -7.97 15.02
C PRO A 48 10.89 -9.30 15.68
N GLU A 49 10.39 -9.44 16.91
CA GLU A 49 10.62 -10.56 17.79
C GLU A 49 9.30 -11.26 17.95
N PRO A 50 9.28 -12.58 17.92
CA PRO A 50 8.03 -13.33 18.05
C PRO A 50 7.37 -13.09 19.37
N LYS A 51 6.05 -13.10 19.41
CA LYS A 51 5.35 -12.86 20.63
C LYS A 51 5.52 -14.04 21.57
N LYS A 52 6.19 -13.84 22.71
CA LYS A 52 6.33 -14.93 23.69
C LYS A 52 4.88 -15.33 23.92
N PRO A 53 4.57 -16.63 23.94
CA PRO A 53 3.18 -17.00 24.16
C PRO A 53 2.76 -16.44 25.49
N TRP A 54 1.46 -16.55 25.78
CA TRP A 54 0.89 -16.05 27.02
C TRP A 54 -0.04 -17.13 27.61
N SER A 55 -0.60 -16.89 28.78
CA SER A 55 -1.53 -17.85 29.34
C SER A 55 -2.77 -17.06 29.77
N GLY A 56 -3.94 -17.66 29.57
CA GLY A 56 -5.16 -16.97 29.93
C GLY A 56 -5.70 -16.54 28.62
N VAL A 57 -6.96 -16.13 28.57
CA VAL A 57 -7.50 -15.72 27.33
C VAL A 57 -6.99 -14.33 27.03
N TRP A 58 -6.50 -14.11 25.80
CA TRP A 58 -6.09 -12.77 25.41
C TRP A 58 -7.42 -12.19 24.95
N ASN A 59 -7.70 -10.94 25.35
CA ASN A 59 -8.95 -10.27 25.04
C ASN A 59 -8.89 -9.50 23.75
N ALA A 60 -9.36 -10.09 22.67
CA ALA A 60 -9.30 -9.42 21.41
C ALA A 60 -10.63 -8.82 21.09
N SER A 61 -11.19 -8.04 22.01
CA SER A 61 -12.49 -7.45 21.72
C SER A 61 -12.48 -6.02 21.17
N THR A 62 -11.29 -5.41 21.09
CA THR A 62 -11.19 -4.03 20.58
C THR A 62 -9.88 -3.77 19.85
N TYR A 63 -9.97 -2.89 18.84
CA TYR A 63 -8.83 -2.50 18.02
C TYR A 63 -7.63 -2.06 18.81
N PRO A 64 -6.45 -2.33 18.29
CA PRO A 64 -5.18 -1.98 18.93
C PRO A 64 -4.69 -0.56 18.64
N ASN A 65 -3.60 -0.16 19.29
CA ASN A 65 -3.05 1.15 19.04
C ASN A 65 -2.57 1.12 17.60
N ASN A 66 -2.22 2.29 17.09
CA ASN A 66 -1.72 2.42 15.74
C ASN A 66 -0.29 2.79 15.89
N CYS A 67 0.51 2.50 14.88
CA CYS A 67 1.91 2.77 14.96
C CYS A 67 2.14 4.26 14.88
N GLN A 68 3.19 4.73 15.54
CA GLN A 68 3.50 6.14 15.55
C GLN A 68 3.62 6.54 14.13
N GLN A 69 3.14 7.74 13.80
CA GLN A 69 3.20 8.20 12.42
C GLN A 69 2.78 9.63 12.27
N TYR A 70 3.09 10.15 11.10
CA TYR A 70 2.75 11.48 10.74
C TYR A 70 1.24 11.57 10.53
N VAL A 71 0.57 12.37 11.35
CA VAL A 71 -0.88 12.54 11.23
C VAL A 71 -1.05 13.72 10.28
N ASP A 72 -2.05 13.66 9.40
CA ASP A 72 -2.29 14.71 8.41
C ASP A 72 -3.23 15.75 8.94
N GLU A 73 -2.79 17.00 8.97
CA GLU A 73 -3.62 18.07 9.47
C GLU A 73 -3.84 19.08 8.38
N GLN A 74 -3.50 18.74 7.15
CA GLN A 74 -3.71 19.66 6.05
C GLN A 74 -5.16 20.23 5.97
N PHE A 75 -6.15 19.39 6.25
CA PHE A 75 -7.55 19.78 6.17
C PHE A 75 -8.28 19.33 7.41
N PRO A 76 -7.88 19.86 8.57
CA PRO A 76 -8.47 19.52 9.86
C PRO A 76 -9.97 19.43 9.76
N GLY A 77 -10.52 18.30 10.20
CA GLY A 77 -11.96 18.13 10.15
C GLY A 77 -12.48 17.66 8.82
N PHE A 78 -11.73 17.86 7.75
CA PHE A 78 -12.23 17.40 6.48
C PHE A 78 -12.21 15.87 6.52
N SER A 79 -13.37 15.25 6.42
CA SER A 79 -13.46 13.80 6.45
C SER A 79 -12.65 13.18 5.34
N GLY A 80 -12.75 13.76 4.15
CA GLY A 80 -12.02 13.21 3.03
C GLY A 80 -10.57 12.89 3.33
N SER A 81 -9.99 13.51 4.35
CA SER A 81 -8.60 13.26 4.64
C SER A 81 -8.40 12.66 6.00
N GLU A 82 -9.29 12.96 6.93
CA GLU A 82 -9.14 12.44 8.28
C GLU A 82 -9.53 10.97 8.30
N MET A 83 -10.27 10.54 7.30
CA MET A 83 -10.68 9.16 7.28
C MET A 83 -9.48 8.24 7.18
N TRP A 84 -8.32 8.82 6.87
CA TRP A 84 -7.07 8.09 6.73
C TRP A 84 -6.16 8.30 7.91
N ASN A 85 -6.54 9.14 8.84
CA ASN A 85 -5.68 9.40 9.99
C ASN A 85 -5.90 8.34 11.03
N PRO A 86 -4.90 8.12 11.87
CA PRO A 86 -5.00 7.14 12.92
C PRO A 86 -6.19 7.49 13.76
N ASN A 87 -7.07 6.52 13.99
CA ASN A 87 -8.24 6.73 14.82
C ASN A 87 -8.10 6.04 16.15
N ARG A 88 -6.88 5.87 16.63
CA ARG A 88 -6.64 5.24 17.92
C ARG A 88 -5.38 5.87 18.43
N GLU A 89 -5.06 5.64 19.70
CA GLU A 89 -3.86 6.21 20.29
C GLU A 89 -2.76 5.64 19.47
N MET A 90 -1.74 6.41 19.19
CA MET A 90 -0.65 5.87 18.43
C MET A 90 0.28 5.38 19.49
N SER A 91 1.10 4.39 19.20
CA SER A 91 2.03 3.88 20.18
C SER A 91 3.08 3.05 19.48
N GLU A 92 4.26 2.97 20.05
CA GLU A 92 5.30 2.14 19.42
C GLU A 92 4.90 0.67 19.60
N ASP A 93 3.98 0.42 20.53
CA ASP A 93 3.45 -0.92 20.78
C ASP A 93 2.23 -1.02 19.88
N CYS A 94 2.45 -1.31 18.60
CA CYS A 94 1.36 -1.42 17.67
C CYS A 94 1.34 -2.67 16.82
N LEU A 95 2.34 -3.54 16.96
CA LEU A 95 2.35 -4.75 16.15
C LEU A 95 1.26 -5.72 16.59
N TYR A 96 0.09 -5.60 15.98
CA TYR A 96 -1.09 -6.42 16.28
C TYR A 96 -1.82 -6.74 15.01
N LEU A 97 -2.60 -7.82 14.99
CA LEU A 97 -3.37 -8.18 13.81
C LEU A 97 -4.81 -8.32 14.23
N ASN A 98 -5.72 -8.23 13.27
CA ASN A 98 -7.16 -8.34 13.52
C ASN A 98 -7.72 -9.39 12.55
N ILE A 99 -8.60 -10.26 13.03
CA ILE A 99 -9.21 -11.32 12.21
C ILE A 99 -10.73 -11.25 12.25
N TRP A 100 -11.37 -11.26 11.10
CA TRP A 100 -12.82 -11.26 11.07
C TRP A 100 -13.09 -12.67 10.59
N VAL A 101 -13.97 -13.42 11.25
CA VAL A 101 -14.26 -14.80 10.87
C VAL A 101 -15.75 -15.03 10.72
N PRO A 102 -16.17 -15.60 9.61
CA PRO A 102 -17.59 -15.84 9.45
C PRO A 102 -18.15 -16.69 10.58
N SER A 103 -19.43 -16.49 10.88
CA SER A 103 -20.10 -17.26 11.91
C SER A 103 -21.27 -17.91 11.22
N PRO A 104 -21.37 -19.27 11.26
CA PRO A 104 -20.45 -20.21 11.92
C PRO A 104 -19.04 -20.32 11.35
N ARG A 105 -18.09 -20.37 12.27
CA ARG A 105 -16.67 -20.49 11.99
C ARG A 105 -16.55 -21.56 10.97
N PRO A 106 -15.88 -21.27 9.85
CA PRO A 106 -15.66 -22.24 8.76
C PRO A 106 -14.66 -23.25 9.28
N LYS A 107 -14.38 -24.31 8.51
CA LYS A 107 -13.40 -25.31 8.94
C LYS A 107 -12.13 -25.04 8.17
N SER A 108 -12.30 -24.63 6.90
CA SER A 108 -11.16 -24.31 6.07
C SER A 108 -11.48 -23.39 4.89
N THR A 109 -11.65 -22.08 5.12
CA THR A 109 -11.84 -21.15 4.00
C THR A 109 -10.60 -20.35 3.65
N THR A 110 -10.69 -19.73 2.50
CA THR A 110 -9.65 -18.87 1.97
C THR A 110 -9.38 -17.71 2.92
N VAL A 111 -8.10 -17.41 3.11
CA VAL A 111 -7.70 -16.31 3.98
C VAL A 111 -7.23 -15.11 3.14
N MET A 112 -7.68 -13.91 3.51
CA MET A 112 -7.31 -12.65 2.86
C MET A 112 -6.65 -11.75 3.89
N VAL A 113 -5.35 -11.52 3.74
CA VAL A 113 -4.58 -10.67 4.65
C VAL A 113 -4.37 -9.31 3.99
N TRP A 114 -4.86 -8.25 4.63
CA TRP A 114 -4.77 -6.87 4.14
C TRP A 114 -3.55 -6.15 4.69
N ILE A 115 -2.71 -5.62 3.81
CA ILE A 115 -1.53 -4.84 4.22
C ILE A 115 -1.87 -3.39 3.82
N TYR A 116 -2.07 -2.52 4.81
CA TYR A 116 -2.43 -1.14 4.53
C TYR A 116 -1.38 -0.33 3.80
N GLY A 117 -1.83 0.72 3.11
CA GLY A 117 -0.92 1.61 2.42
C GLY A 117 -0.54 2.80 3.27
N GLY A 118 0.07 3.80 2.63
CA GLY A 118 0.48 5.02 3.31
C GLY A 118 1.90 5.52 3.05
N GLY A 119 2.43 5.26 1.87
CA GLY A 119 3.78 5.72 1.57
C GLY A 119 4.83 5.22 2.52
N PHE A 120 4.50 4.18 3.29
CA PHE A 120 5.41 3.61 4.25
C PHE A 120 5.67 4.57 5.42
N TYR A 121 5.14 5.79 5.35
CA TYR A 121 5.28 6.74 6.46
C TYR A 121 4.04 6.74 7.36
N SER A 122 2.96 6.11 6.90
CA SER A 122 1.74 6.06 7.71
C SER A 122 0.87 4.82 7.44
N GLY A 123 -0.25 4.74 8.13
CA GLY A 123 -1.16 3.63 7.93
C GLY A 123 -1.70 3.16 9.24
N SER A 124 -2.89 2.58 9.19
CA SER A 124 -3.55 2.07 10.38
C SER A 124 -4.40 0.91 9.92
N SER A 125 -4.40 -0.18 10.66
CA SER A 125 -5.20 -1.31 10.26
C SER A 125 -6.58 -1.10 10.84
N THR A 126 -6.76 0.00 11.55
CA THR A 126 -8.02 0.25 12.22
C THR A 126 -8.95 1.24 11.54
N LEU A 127 -8.56 1.75 10.38
CA LEU A 127 -9.40 2.72 9.70
C LEU A 127 -10.74 2.10 9.46
N ASP A 128 -11.74 2.92 9.20
CA ASP A 128 -13.06 2.39 8.98
C ASP A 128 -13.15 1.74 7.62
N VAL A 129 -12.45 2.28 6.63
CA VAL A 129 -12.52 1.67 5.30
C VAL A 129 -11.84 0.32 5.21
N TYR A 130 -11.03 -0.02 6.22
CA TYR A 130 -10.33 -1.30 6.24
C TYR A 130 -11.11 -2.30 7.09
N ASN A 131 -12.37 -1.99 7.35
CA ASN A 131 -13.22 -2.83 8.18
C ASN A 131 -13.59 -4.09 7.41
N GLY A 132 -12.86 -5.16 7.66
CA GLY A 132 -13.06 -6.44 6.96
C GLY A 132 -14.29 -7.32 7.17
N LYS A 133 -15.29 -6.85 7.90
CA LYS A 133 -16.46 -7.65 8.18
C LYS A 133 -17.43 -7.84 7.04
N TYR A 134 -17.51 -6.89 6.12
CA TYR A 134 -18.46 -7.04 5.04
C TYR A 134 -17.89 -8.00 4.07
N LEU A 135 -16.57 -8.03 3.93
CA LEU A 135 -15.92 -8.94 2.98
C LEU A 135 -15.97 -10.33 3.61
N ALA A 136 -15.57 -10.42 4.87
CA ALA A 136 -15.61 -11.69 5.58
C ALA A 136 -17.02 -12.25 5.43
N TYR A 137 -17.97 -11.50 5.97
CA TYR A 137 -19.37 -11.90 5.93
C TYR A 137 -19.85 -12.19 4.53
N THR A 138 -19.83 -11.18 3.68
CA THR A 138 -20.31 -11.32 2.30
C THR A 138 -19.66 -12.44 1.52
N GLU A 139 -18.35 -12.61 1.61
CA GLU A 139 -17.65 -13.64 0.83
C GLU A 139 -17.15 -14.88 1.59
N GLU A 140 -17.47 -15.00 2.87
CA GLU A 140 -17.06 -16.18 3.62
C GLU A 140 -15.57 -16.36 3.62
N VAL A 141 -14.83 -15.30 3.83
CA VAL A 141 -13.39 -15.45 3.88
C VAL A 141 -12.95 -14.99 5.23
N VAL A 142 -11.81 -15.48 5.68
CA VAL A 142 -11.30 -15.05 6.97
C VAL A 142 -10.45 -13.85 6.59
N LEU A 143 -10.80 -12.68 7.10
CA LEU A 143 -10.03 -11.50 6.75
C LEU A 143 -9.13 -11.12 7.87
N VAL A 144 -7.84 -11.06 7.57
CA VAL A 144 -6.89 -10.65 8.57
C VAL A 144 -6.37 -9.33 8.03
N SER A 145 -6.05 -8.42 8.93
CA SER A 145 -5.46 -7.17 8.52
C SER A 145 -4.34 -7.03 9.53
N LEU A 146 -3.13 -6.89 9.04
CA LEU A 146 -2.00 -6.76 9.91
C LEU A 146 -1.55 -5.29 10.01
N SER A 147 -0.56 -5.02 10.84
CA SER A 147 -0.04 -3.69 10.98
C SER A 147 1.47 -3.84 10.97
N TYR A 148 2.18 -2.78 10.62
CA TYR A 148 3.63 -2.84 10.59
C TYR A 148 4.15 -1.50 10.91
N ARG A 149 5.37 -1.44 11.41
CA ARG A 149 5.95 -0.17 11.75
C ARG A 149 6.17 0.61 10.47
N VAL A 150 5.79 1.88 10.51
CA VAL A 150 5.93 2.79 9.39
C VAL A 150 6.91 3.84 9.83
N GLY A 151 7.34 4.68 8.89
CA GLY A 151 8.25 5.76 9.20
C GLY A 151 9.63 5.35 9.60
N ALA A 152 10.35 6.22 10.28
CA ALA A 152 11.69 5.91 10.72
C ALA A 152 11.63 4.62 11.49
N PHE A 153 10.64 4.52 12.35
CA PHE A 153 10.43 3.37 13.23
C PHE A 153 10.42 2.02 12.53
N GLY A 154 10.05 2.03 11.25
CA GLY A 154 9.99 0.79 10.51
C GLY A 154 10.94 0.76 9.33
N PHE A 155 11.47 1.91 8.91
CA PHE A 155 12.34 1.83 7.78
C PHE A 155 13.69 2.53 7.87
N LEU A 156 14.04 3.01 9.05
CA LEU A 156 15.34 3.65 9.19
C LEU A 156 16.34 2.56 8.90
N ALA A 157 17.26 2.79 7.98
CA ALA A 157 18.21 1.78 7.63
C ALA A 157 19.68 2.08 7.72
N LEU A 158 20.33 1.59 8.77
CA LEU A 158 21.77 1.77 8.89
C LEU A 158 22.33 0.42 8.55
N HIS A 159 22.31 0.11 7.27
CA HIS A 159 22.78 -1.17 6.76
C HIS A 159 24.13 -1.56 7.30
N GLY A 160 24.19 -2.66 8.04
CA GLY A 160 25.49 -3.09 8.54
C GLY A 160 25.41 -3.29 10.03
N SER A 161 24.52 -2.55 10.69
CA SER A 161 24.36 -2.71 12.11
C SER A 161 23.20 -3.66 12.17
N GLN A 162 23.01 -4.30 13.30
CA GLN A 162 21.91 -5.23 13.45
C GLN A 162 20.88 -4.54 14.29
N GLU A 163 21.26 -3.36 14.78
CA GLU A 163 20.39 -2.53 15.62
C GLU A 163 19.37 -1.72 14.80
N ALA A 164 19.68 -1.46 13.54
CA ALA A 164 18.78 -0.75 12.65
C ALA A 164 19.19 -1.22 11.28
N PRO A 165 18.77 -2.45 10.93
CA PRO A 165 19.10 -3.03 9.63
C PRO A 165 18.23 -2.47 8.51
N GLY A 166 17.08 -1.92 8.88
CA GLY A 166 16.20 -1.39 7.86
C GLY A 166 15.27 -2.50 7.44
N ASN A 167 14.21 -2.16 6.71
CA ASN A 167 13.25 -3.14 6.27
C ASN A 167 12.54 -3.81 7.41
N VAL A 168 12.76 -3.35 8.63
CA VAL A 168 12.12 -4.00 9.75
C VAL A 168 10.62 -3.94 9.67
N GLY A 169 10.09 -2.93 8.98
CA GLY A 169 8.64 -2.83 8.83
C GLY A 169 8.14 -3.88 7.85
N LEU A 170 9.04 -4.39 7.02
CA LEU A 170 8.70 -5.46 6.07
C LEU A 170 8.74 -6.82 6.79
N LEU A 171 9.61 -6.91 7.80
CA LEU A 171 9.71 -8.10 8.62
C LEU A 171 8.53 -8.13 9.60
N ASP A 172 7.98 -6.98 9.95
CA ASP A 172 6.81 -7.02 10.81
C ASP A 172 5.71 -7.66 10.01
N GLN A 173 5.65 -7.41 8.70
CA GLN A 173 4.57 -7.98 7.90
C GLN A 173 4.76 -9.45 7.75
N ARG A 174 6.01 -9.86 7.50
CA ARG A 174 6.36 -11.26 7.31
C ARG A 174 5.96 -11.97 8.56
N MET A 175 6.35 -11.40 9.68
CA MET A 175 6.04 -11.98 10.94
C MET A 175 4.58 -12.19 11.16
N ALA A 176 3.73 -11.32 10.65
CA ALA A 176 2.29 -11.48 10.84
C ALA A 176 1.80 -12.47 9.86
N LEU A 177 2.56 -12.64 8.78
CA LEU A 177 2.18 -13.60 7.77
C LEU A 177 2.48 -14.97 8.36
N GLN A 178 3.56 -15.02 9.14
CA GLN A 178 3.99 -16.22 9.83
C GLN A 178 2.94 -16.60 10.87
N TRP A 179 2.54 -15.66 11.72
CA TRP A 179 1.53 -15.97 12.71
C TRP A 179 0.28 -16.42 12.03
N VAL A 180 -0.01 -15.91 10.85
CA VAL A 180 -1.21 -16.33 10.13
C VAL A 180 -1.03 -17.77 9.58
N HIS A 181 0.18 -18.07 9.10
CA HIS A 181 0.50 -19.38 8.55
C HIS A 181 0.28 -20.43 9.62
N ASP A 182 0.95 -20.24 10.73
CA ASP A 182 0.90 -21.11 11.88
C ASP A 182 -0.42 -21.22 12.64
N ASN A 183 -1.20 -20.15 12.77
CA ASN A 183 -2.42 -20.20 13.55
C ASN A 183 -3.74 -20.01 12.86
N ILE A 184 -3.74 -19.56 11.63
CA ILE A 184 -5.04 -19.29 11.00
C ILE A 184 -5.96 -20.50 10.88
N GLN A 185 -5.40 -21.69 11.11
CA GLN A 185 -6.17 -22.93 11.03
C GLN A 185 -7.16 -23.05 12.19
N PHE A 186 -6.83 -22.40 13.30
CA PHE A 186 -7.71 -22.46 14.46
C PHE A 186 -8.84 -21.48 14.41
N PHE A 187 -8.95 -20.72 13.31
CA PHE A 187 -10.00 -19.71 13.14
C PHE A 187 -10.88 -20.05 11.96
N GLY A 188 -10.54 -21.12 11.24
CA GLY A 188 -11.34 -21.53 10.11
C GLY A 188 -10.63 -21.26 8.82
N GLY A 189 -9.45 -20.69 8.89
CA GLY A 189 -8.77 -20.38 7.66
C GLY A 189 -7.80 -21.44 7.23
N ASP A 190 -7.64 -21.56 5.94
CA ASP A 190 -6.73 -22.53 5.36
C ASP A 190 -5.41 -21.84 5.07
N PRO A 191 -4.35 -22.12 5.85
CA PRO A 191 -3.04 -21.48 5.64
C PRO A 191 -2.36 -21.80 4.34
N LYS A 192 -3.03 -22.57 3.50
CA LYS A 192 -2.50 -22.94 2.19
C LYS A 192 -3.27 -22.15 1.15
N THR A 193 -4.13 -21.25 1.61
CA THR A 193 -4.88 -20.43 0.69
C THR A 193 -5.08 -19.01 1.16
N VAL A 194 -3.97 -18.38 1.56
CA VAL A 194 -4.02 -17.00 1.98
C VAL A 194 -3.50 -16.14 0.84
N THR A 195 -4.29 -15.12 0.51
CA THR A 195 -3.99 -14.15 -0.52
C THR A 195 -3.60 -12.91 0.22
N ILE A 196 -2.40 -12.38 0.03
CA ILE A 196 -2.10 -11.14 0.71
C ILE A 196 -2.49 -10.02 -0.23
N PHE A 197 -3.18 -8.99 0.26
CA PHE A 197 -3.50 -7.87 -0.63
C PHE A 197 -3.26 -6.51 0.01
N GLY A 198 -2.89 -5.53 -0.80
CA GLY A 198 -2.62 -4.23 -0.23
C GLY A 198 -2.72 -3.13 -1.25
N GLU A 199 -2.78 -1.89 -0.77
CA GLU A 199 -2.90 -0.77 -1.68
C GLU A 199 -1.76 0.18 -1.45
N SER A 200 -1.20 0.67 -2.53
CA SER A 200 -0.10 1.64 -2.46
C SER A 200 1.11 1.09 -1.76
N ALA A 201 1.54 1.63 -0.64
CA ALA A 201 2.72 1.09 0.00
C ALA A 201 2.43 -0.38 0.39
N GLY A 202 1.15 -0.73 0.47
CA GLY A 202 0.72 -2.07 0.79
C GLY A 202 0.77 -2.97 -0.42
N GLY A 203 0.38 -2.45 -1.58
CA GLY A 203 0.44 -3.23 -2.80
C GLY A 203 1.89 -3.37 -3.15
N ALA A 204 2.70 -2.43 -2.73
CA ALA A 204 4.13 -2.47 -3.00
C ALA A 204 4.71 -3.52 -2.08
N SER A 205 4.27 -3.51 -0.83
CA SER A 205 4.72 -4.51 0.13
C SER A 205 4.41 -5.92 -0.42
N VAL A 206 3.16 -6.14 -0.81
CA VAL A 206 2.75 -7.41 -1.39
C VAL A 206 3.74 -7.87 -2.43
N GLY A 207 4.05 -7.04 -3.39
CA GLY A 207 5.01 -7.45 -4.39
C GLY A 207 6.39 -7.69 -3.85
N MET A 208 6.75 -7.14 -2.70
CA MET A 208 8.07 -7.35 -2.16
C MET A 208 8.13 -8.69 -1.46
N HIS A 209 7.00 -9.15 -0.93
CA HIS A 209 6.95 -10.45 -0.29
C HIS A 209 6.99 -11.50 -1.38
N ILE A 210 6.57 -11.13 -2.58
CA ILE A 210 6.58 -11.99 -3.76
C ILE A 210 8.02 -12.13 -4.26
N LEU A 211 8.86 -11.17 -3.92
CA LEU A 211 10.25 -11.17 -4.37
C LEU A 211 11.19 -11.68 -3.31
N SER A 212 11.00 -11.21 -2.09
CA SER A 212 11.88 -11.63 -1.05
C SER A 212 11.78 -13.12 -0.78
N PRO A 213 12.89 -13.87 -0.92
CA PRO A 213 12.95 -15.31 -0.69
C PRO A 213 12.27 -15.76 0.60
N GLY A 214 12.59 -15.12 1.71
CA GLY A 214 12.00 -15.49 2.98
C GLY A 214 10.53 -15.24 3.20
N SER A 215 9.78 -14.82 2.20
CA SER A 215 8.35 -14.58 2.38
C SER A 215 7.50 -15.37 1.44
N ARG A 216 8.04 -15.66 0.26
CA ARG A 216 7.31 -16.38 -0.77
C ARG A 216 6.45 -17.53 -0.26
N ASP A 217 6.99 -18.32 0.68
CA ASP A 217 6.29 -19.51 1.18
C ASP A 217 5.12 -19.28 2.09
N LEU A 218 5.01 -18.07 2.66
CA LEU A 218 3.96 -17.71 3.62
C LEU A 218 2.60 -17.29 3.06
N PHE A 219 2.44 -17.38 1.74
CA PHE A 219 1.16 -17.03 1.17
C PHE A 219 1.04 -17.69 -0.20
N ARG A 220 -0.16 -17.74 -0.76
CA ARG A 220 -0.45 -18.39 -2.02
C ARG A 220 -0.59 -17.49 -3.23
N ARG A 221 -1.51 -16.55 -3.13
CA ARG A 221 -1.81 -15.61 -4.20
C ARG A 221 -1.63 -14.20 -3.69
N ALA A 222 -1.60 -13.23 -4.61
CA ALA A 222 -1.44 -11.82 -4.25
C ALA A 222 -2.29 -10.87 -5.06
N ILE A 223 -2.82 -9.86 -4.41
CA ILE A 223 -3.58 -8.82 -5.09
C ILE A 223 -2.84 -7.52 -4.78
N LEU A 224 -2.39 -6.83 -5.80
CA LEU A 224 -1.67 -5.56 -5.62
C LEU A 224 -2.52 -4.39 -6.13
N GLN A 225 -2.88 -3.45 -5.27
CA GLN A 225 -3.69 -2.29 -5.67
C GLN A 225 -2.91 -0.96 -5.67
N SER A 226 -2.74 -0.37 -6.84
CA SER A 226 -2.05 0.90 -7.00
C SER A 226 -0.66 0.92 -6.48
N GLY A 227 0.06 -0.17 -6.68
CA GLY A 227 1.42 -0.20 -6.22
C GLY A 227 2.13 -1.45 -6.63
N SER A 228 3.44 -1.36 -6.76
CA SER A 228 4.22 -2.50 -7.12
C SER A 228 5.54 -2.23 -6.48
N PRO A 229 6.32 -3.29 -6.18
CA PRO A 229 7.62 -3.18 -5.53
C PRO A 229 8.58 -2.25 -6.20
N ASN A 230 8.44 -2.09 -7.51
CA ASN A 230 9.31 -1.23 -8.31
C ASN A 230 8.91 0.24 -8.47
N CYS A 231 7.90 0.70 -7.74
CA CYS A 231 7.50 2.10 -7.84
C CYS A 231 8.72 2.91 -7.37
N PRO A 232 9.02 4.03 -8.03
CA PRO A 232 10.17 4.88 -7.66
C PRO A 232 10.23 5.39 -6.25
N TRP A 233 9.09 5.44 -5.60
CA TRP A 233 9.03 5.90 -4.22
C TRP A 233 9.08 4.74 -3.25
N ALA A 234 9.03 3.50 -3.77
CA ALA A 234 9.00 2.30 -2.95
C ALA A 234 10.28 1.83 -2.32
N SER A 235 11.44 2.20 -2.82
CA SER A 235 12.64 1.74 -2.16
C SER A 235 13.81 2.68 -2.40
N VAL A 236 14.89 2.52 -1.63
CA VAL A 236 16.10 3.33 -1.79
C VAL A 236 17.34 2.44 -1.67
N SER A 237 18.47 2.91 -2.18
CA SER A 237 19.71 2.16 -2.10
C SER A 237 20.10 2.15 -0.63
N VAL A 238 21.06 1.33 -0.25
CA VAL A 238 21.47 1.29 1.15
C VAL A 238 22.18 2.58 1.48
N ALA A 239 22.90 3.12 0.51
CA ALA A 239 23.62 4.38 0.74
C ALA A 239 22.63 5.49 0.99
N GLU A 240 21.61 5.57 0.16
CA GLU A 240 20.60 6.58 0.32
C GLU A 240 19.94 6.44 1.67
N GLY A 241 19.55 5.23 2.03
CA GLY A 241 18.90 5.00 3.31
C GLY A 241 19.78 5.38 4.47
N ARG A 242 21.09 5.22 4.28
CA ARG A 242 22.04 5.58 5.32
C ARG A 242 22.12 7.10 5.43
N ARG A 243 22.17 7.77 4.27
CA ARG A 243 22.23 9.22 4.19
C ARG A 243 21.08 9.82 4.93
N ARG A 244 19.87 9.43 4.57
CA ARG A 244 18.68 9.92 5.25
C ARG A 244 18.66 9.56 6.73
N ALA A 245 19.29 8.45 7.09
CA ALA A 245 19.33 7.99 8.49
C ALA A 245 20.21 8.95 9.26
N VAL A 246 21.35 9.28 8.67
CA VAL A 246 22.28 10.20 9.29
C VAL A 246 21.64 11.55 9.38
N GLU A 247 21.11 12.03 8.26
CA GLU A 247 20.45 13.32 8.17
C GLU A 247 19.38 13.45 9.22
N LEU A 248 18.63 12.40 9.47
CA LEU A 248 17.60 12.49 10.49
C LEU A 248 18.34 12.76 11.76
N GLY A 249 19.48 12.11 11.96
CA GLY A 249 20.25 12.33 13.18
C GLY A 249 20.68 13.77 13.33
N ARG A 250 21.11 14.37 12.24
CA ARG A 250 21.53 15.76 12.24
C ARG A 250 20.36 16.63 12.77
N ASN A 251 19.18 16.50 12.17
CA ASN A 251 18.01 17.27 12.60
C ASN A 251 17.66 17.09 14.09
N LEU A 252 18.27 16.11 14.75
CA LEU A 252 17.96 15.87 16.17
C LEU A 252 19.20 16.06 17.04
N ASN A 253 20.26 16.52 16.41
CA ASN A 253 21.48 16.82 17.14
C ASN A 253 21.96 15.61 17.86
N CYS A 254 22.11 14.54 17.09
CA CYS A 254 22.60 13.28 17.60
C CYS A 254 24.08 13.25 17.28
N ASN A 255 24.82 12.55 18.14
CA ASN A 255 26.24 12.35 17.92
C ASN A 255 26.20 11.58 16.64
N LEU A 256 26.95 12.00 15.65
CA LEU A 256 26.94 11.28 14.38
C LEU A 256 28.26 10.63 14.10
N ASN A 257 29.03 10.38 15.15
CA ASN A 257 30.34 9.78 14.95
C ASN A 257 30.29 8.31 14.64
N SER A 258 29.17 7.64 14.95
CA SER A 258 29.06 6.19 14.70
C SER A 258 27.63 5.75 14.68
N ASP A 259 27.35 4.62 13.99
CA ASP A 259 25.99 4.10 13.94
C ASP A 259 25.48 3.87 15.35
N GLU A 260 26.33 3.43 16.25
CA GLU A 260 25.89 3.15 17.62
C GLU A 260 25.47 4.39 18.35
N GLU A 261 26.28 5.44 18.25
CA GLU A 261 25.95 6.71 18.91
C GLU A 261 24.67 7.23 18.22
N LEU A 262 24.64 7.12 16.90
CA LEU A 262 23.50 7.55 16.11
C LEU A 262 22.24 6.81 16.53
N ILE A 263 22.27 5.48 16.48
CA ILE A 263 21.10 4.69 16.84
C ILE A 263 20.74 4.95 18.28
N HIS A 264 21.73 5.03 19.15
CA HIS A 264 21.37 5.26 20.53
C HIS A 264 20.69 6.59 20.70
N CYS A 265 21.16 7.62 19.99
CA CYS A 265 20.55 8.94 20.16
C CYS A 265 19.12 8.87 19.69
N LEU A 266 18.93 8.28 18.53
CA LEU A 266 17.60 8.17 17.96
C LEU A 266 16.68 7.35 18.85
N ARG A 267 17.24 6.52 19.73
CA ARG A 267 16.37 5.75 20.61
C ARG A 267 15.93 6.47 21.87
N GLU A 268 16.64 7.53 22.25
CA GLU A 268 16.26 8.29 23.43
C GLU A 268 15.13 9.24 23.01
N LYS A 269 15.12 9.58 21.72
CA LYS A 269 14.14 10.47 21.21
C LYS A 269 12.73 9.95 21.36
N LYS A 270 11.81 10.83 21.73
CA LYS A 270 10.42 10.45 21.86
C LYS A 270 9.91 10.26 20.42
N PRO A 271 8.86 9.46 20.24
CA PRO A 271 8.34 9.23 18.91
C PRO A 271 8.12 10.46 18.06
N GLN A 272 7.35 11.42 18.57
CA GLN A 272 7.07 12.61 17.79
C GLN A 272 8.27 13.47 17.43
N GLU A 273 9.41 13.27 18.07
CA GLU A 273 10.57 14.07 17.70
C GLU A 273 11.08 13.57 16.40
N LEU A 274 10.99 12.25 16.18
CA LEU A 274 11.43 11.69 14.93
C LEU A 274 10.46 12.07 13.85
N ILE A 275 9.19 12.01 14.20
CA ILE A 275 8.18 12.37 13.21
C ILE A 275 8.25 13.83 12.75
N ASP A 276 8.45 14.74 13.69
CA ASP A 276 8.57 16.18 13.39
C ASP A 276 9.61 16.53 12.35
N VAL A 277 10.76 15.86 12.36
CA VAL A 277 11.80 16.14 11.35
C VAL A 277 11.86 15.14 10.19
N GLU A 278 11.03 14.10 10.23
CA GLU A 278 10.98 13.06 9.20
C GLU A 278 11.08 13.52 7.76
N TRP A 279 10.38 14.58 7.41
CA TRP A 279 10.39 15.06 6.04
C TRP A 279 11.55 15.91 5.65
N ASN A 280 12.34 16.33 6.63
CA ASN A 280 13.50 17.16 6.36
C ASN A 280 14.66 16.42 5.71
N VAL A 281 14.53 15.12 5.51
CA VAL A 281 15.63 14.29 4.98
C VAL A 281 15.59 13.93 3.52
N LEU A 282 14.47 14.10 2.85
CA LEU A 282 14.43 13.77 1.43
C LEU A 282 15.55 14.52 0.77
N PRO A 283 16.05 14.02 -0.36
CA PRO A 283 17.15 14.77 -0.97
C PRO A 283 16.66 15.73 -2.02
N PHE A 284 15.34 15.85 -2.20
CA PHE A 284 14.85 16.74 -3.24
C PHE A 284 13.57 17.44 -2.87
N ASP A 285 13.21 18.46 -3.66
CA ASP A 285 11.96 19.14 -3.48
C ASP A 285 11.21 18.23 -4.41
N SER A 286 10.29 17.44 -3.85
CA SER A 286 9.60 16.46 -4.66
C SER A 286 8.19 16.15 -4.18
N ILE A 287 7.43 15.50 -5.06
CA ILE A 287 6.08 15.11 -4.78
C ILE A 287 6.10 13.59 -4.93
N PHE A 288 5.44 12.87 -4.03
CA PHE A 288 5.38 11.40 -4.10
C PHE A 288 6.70 10.72 -3.78
N ARG A 289 7.39 11.19 -2.75
CA ARG A 289 8.61 10.57 -2.30
C ARG A 289 8.46 10.64 -0.80
N PHE A 290 8.80 9.55 -0.12
CA PHE A 290 8.69 9.51 1.31
C PHE A 290 10.07 9.21 1.80
N SER A 291 10.36 9.57 3.04
CA SER A 291 11.71 9.44 3.56
C SER A 291 12.24 8.09 3.88
N PHE A 292 11.55 7.38 4.75
CA PHE A 292 11.99 6.06 5.13
C PHE A 292 11.18 5.00 4.43
N VAL A 293 11.86 4.29 3.55
CA VAL A 293 11.26 3.24 2.77
C VAL A 293 12.16 2.01 2.75
N PRO A 294 11.66 0.88 2.26
CA PRO A 294 12.50 -0.31 2.21
C PRO A 294 13.80 -0.02 1.51
N VAL A 295 14.89 -0.63 1.96
CA VAL A 295 16.16 -0.44 1.28
C VAL A 295 16.48 -1.73 0.58
N ILE A 296 17.10 -1.64 -0.58
CA ILE A 296 17.51 -2.84 -1.29
C ILE A 296 18.77 -3.26 -0.54
N ASP A 297 18.62 -4.02 0.54
CA ASP A 297 19.74 -4.44 1.38
C ASP A 297 20.59 -5.64 1.02
N GLY A 298 20.10 -6.53 0.14
CA GLY A 298 20.87 -7.73 -0.17
C GLY A 298 20.49 -8.89 0.77
N GLU A 299 19.50 -8.67 1.63
CA GLU A 299 19.05 -9.70 2.56
C GLU A 299 17.59 -9.92 2.28
N PHE A 300 16.74 -8.94 2.57
CA PHE A 300 15.31 -9.07 2.29
C PHE A 300 15.22 -9.17 0.76
N PHE A 301 16.03 -8.38 0.06
CA PHE A 301 16.05 -8.38 -1.40
C PHE A 301 17.47 -8.80 -1.74
N PRO A 302 17.61 -9.90 -2.48
CA PRO A 302 18.95 -10.40 -2.86
C PRO A 302 19.77 -9.49 -3.77
N THR A 303 19.12 -8.88 -4.75
CA THR A 303 19.77 -7.98 -5.68
C THR A 303 18.72 -6.95 -6.09
N SER A 304 19.05 -6.16 -7.09
CA SER A 304 18.16 -5.12 -7.52
C SER A 304 16.84 -5.68 -7.93
N LEU A 305 15.75 -5.11 -7.45
CA LEU A 305 14.46 -5.60 -7.84
C LEU A 305 14.40 -5.82 -9.32
N GLU A 306 15.11 -5.02 -10.11
CA GLU A 306 15.02 -5.19 -11.56
C GLU A 306 15.69 -6.44 -12.07
N SER A 307 16.83 -6.83 -11.50
CA SER A 307 17.45 -8.06 -12.01
C SER A 307 16.58 -9.21 -11.55
N MET A 308 15.99 -9.10 -10.36
CA MET A 308 15.06 -10.11 -9.86
C MET A 308 13.90 -10.17 -10.82
N LEU A 309 13.41 -9.04 -11.28
CA LEU A 309 12.30 -9.09 -12.22
C LEU A 309 12.76 -9.71 -13.51
N ASN A 310 13.96 -9.37 -13.94
CA ASN A 310 14.45 -9.91 -15.17
C ASN A 310 14.74 -11.40 -15.18
N SER A 311 15.17 -11.94 -14.05
CA SER A 311 15.52 -13.36 -14.03
C SER A 311 14.50 -14.32 -13.47
N GLY A 312 13.27 -13.89 -13.32
CA GLY A 312 12.24 -14.75 -12.78
C GLY A 312 12.44 -15.05 -11.31
N ASN A 313 13.39 -14.40 -10.69
CA ASN A 313 13.67 -14.65 -9.27
C ASN A 313 12.54 -14.15 -8.39
N PHE A 314 11.38 -14.77 -8.46
CA PHE A 314 10.24 -14.38 -7.63
C PHE A 314 9.19 -15.50 -7.52
N LYS A 315 8.30 -15.39 -6.56
CA LYS A 315 7.30 -16.40 -6.38
C LYS A 315 6.37 -16.45 -7.58
N LYS A 316 6.32 -17.59 -8.27
CA LYS A 316 5.40 -17.69 -9.37
C LYS A 316 4.05 -18.14 -8.82
N THR A 317 3.00 -17.42 -9.15
CA THR A 317 1.65 -17.75 -8.73
C THR A 317 0.76 -16.85 -9.51
N GLN A 318 -0.48 -16.70 -9.07
CA GLN A 318 -1.42 -15.84 -9.76
C GLN A 318 -1.45 -14.53 -8.99
N ILE A 319 -1.59 -13.42 -9.70
CA ILE A 319 -1.67 -12.12 -9.05
C ILE A 319 -2.76 -11.32 -9.72
N LEU A 320 -3.45 -10.51 -8.95
CA LEU A 320 -4.51 -9.65 -9.47
C LEU A 320 -4.10 -8.24 -9.09
N LEU A 321 -3.93 -7.38 -10.07
CA LEU A 321 -3.49 -6.03 -9.78
C LEU A 321 -4.09 -4.94 -10.66
N GLY A 322 -3.94 -3.69 -10.24
CA GLY A 322 -4.49 -2.64 -11.04
C GLY A 322 -4.23 -1.28 -10.49
N VAL A 323 -4.74 -0.29 -11.20
CA VAL A 323 -4.53 1.07 -10.81
C VAL A 323 -5.84 1.85 -10.99
N ASN A 324 -5.94 3.02 -10.35
CA ASN A 324 -7.09 3.93 -10.47
C ASN A 324 -6.75 4.92 -11.55
N LYS A 325 -7.76 5.56 -12.10
CA LYS A 325 -7.56 6.54 -13.15
C LYS A 325 -6.75 7.77 -12.78
N ASP A 326 -7.00 8.37 -11.61
CA ASP A 326 -6.31 9.60 -11.24
C ASP A 326 -5.53 9.39 -9.98
N GLU A 327 -4.38 8.77 -10.11
CA GLU A 327 -3.50 8.45 -8.98
C GLU A 327 -2.75 9.66 -8.47
N GLY A 328 -2.41 10.57 -9.37
CA GLY A 328 -1.65 11.73 -8.94
C GLY A 328 -2.34 12.91 -8.28
N SER A 329 -3.59 13.15 -8.64
CA SER A 329 -4.33 14.25 -8.11
C SER A 329 -4.05 14.48 -6.65
N PHE A 330 -4.20 13.45 -5.84
CA PHE A 330 -3.96 13.61 -4.40
C PHE A 330 -2.63 14.24 -3.98
N PHE A 331 -1.56 13.92 -4.69
CA PHE A 331 -0.24 14.43 -4.31
C PHE A 331 0.03 15.80 -4.84
N LEU A 332 -0.67 16.16 -5.93
CA LEU A 332 -0.52 17.47 -6.52
C LEU A 332 -1.23 18.39 -5.52
N LEU A 333 -2.48 18.07 -5.21
CA LEU A 333 -3.26 18.84 -4.25
C LEU A 333 -2.46 19.21 -3.01
N TYR A 334 -1.59 18.32 -2.56
CA TYR A 334 -0.82 18.54 -1.35
C TYR A 334 0.57 19.13 -1.50
N GLY A 335 1.20 19.01 -2.64
CA GLY A 335 2.53 19.53 -2.72
C GLY A 335 2.90 20.22 -3.99
N ALA A 336 1.93 20.45 -4.87
CA ALA A 336 2.22 21.17 -6.10
C ALA A 336 1.53 22.54 -5.99
N PRO A 337 2.19 23.62 -6.43
CA PRO A 337 1.60 24.96 -6.37
C PRO A 337 0.56 25.12 -7.46
N GLY A 338 -0.55 25.78 -7.15
CA GLY A 338 -1.58 25.97 -8.14
C GLY A 338 -2.83 25.18 -7.84
N PHE A 339 -2.68 24.11 -7.06
CA PHE A 339 -3.78 23.24 -6.74
C PHE A 339 -4.31 23.61 -5.40
N SER A 340 -5.62 23.58 -5.26
CA SER A 340 -6.23 23.91 -3.98
C SER A 340 -7.42 22.99 -3.85
N LYS A 341 -7.82 22.66 -2.64
CA LYS A 341 -8.92 21.75 -2.47
C LYS A 341 -10.20 22.38 -2.92
N ASP A 342 -10.30 23.69 -2.82
CA ASP A 342 -11.52 24.39 -3.18
C ASP A 342 -11.67 25.12 -4.50
N SER A 343 -10.71 25.00 -5.40
CA SER A 343 -10.81 25.62 -6.71
C SER A 343 -10.70 24.56 -7.78
N GLU A 344 -10.98 24.89 -9.04
CA GLU A 344 -10.88 23.90 -10.11
C GLU A 344 -9.39 23.65 -10.39
N SER A 345 -8.53 24.30 -9.63
CA SER A 345 -7.12 24.13 -9.80
C SER A 345 -6.65 24.17 -11.25
N LYS A 346 -7.15 25.13 -12.04
CA LYS A 346 -6.67 25.25 -13.43
C LYS A 346 -5.20 25.64 -13.23
N ILE A 347 -4.29 25.16 -14.08
CA ILE A 347 -2.86 25.43 -13.89
C ILE A 347 -2.20 26.15 -15.06
N SER A 348 -1.41 27.15 -14.74
CA SER A 348 -0.72 27.93 -15.77
C SER A 348 0.52 27.17 -16.17
N ARG A 349 1.09 27.46 -17.34
CA ARG A 349 2.33 26.79 -17.73
C ARG A 349 3.38 27.03 -16.66
N GLU A 350 3.39 28.20 -16.07
CA GLU A 350 4.41 28.44 -15.08
C GLU A 350 4.29 27.43 -13.95
N ASP A 351 3.06 27.12 -13.55
CA ASP A 351 2.90 26.17 -12.46
C ASP A 351 2.95 24.73 -12.96
N PHE A 352 2.65 24.57 -14.24
CA PHE A 352 2.74 23.27 -14.83
C PHE A 352 4.20 22.94 -14.73
N MET A 353 5.02 23.70 -15.44
CA MET A 353 6.47 23.53 -15.45
C MET A 353 7.08 23.33 -14.08
N SER A 354 6.40 23.77 -13.01
CA SER A 354 6.93 23.57 -11.65
C SER A 354 6.48 22.22 -11.12
N GLY A 355 5.27 21.82 -11.50
CA GLY A 355 4.73 20.54 -11.13
C GLY A 355 5.54 19.42 -11.72
N VAL A 356 5.92 19.51 -13.00
CA VAL A 356 6.72 18.43 -13.58
C VAL A 356 8.07 18.29 -12.94
N LYS A 357 8.63 19.38 -12.42
CA LYS A 357 9.93 19.38 -11.77
C LYS A 357 9.83 18.65 -10.44
N LEU A 358 8.69 18.82 -9.80
CA LEU A 358 8.46 18.18 -8.51
C LEU A 358 8.15 16.71 -8.68
N SER A 359 7.48 16.36 -9.78
CA SER A 359 7.07 15.01 -10.07
C SER A 359 8.17 14.08 -10.49
N VAL A 360 9.17 14.62 -11.19
CA VAL A 360 10.32 13.84 -11.66
C VAL A 360 11.59 14.49 -11.14
N PRO A 361 11.76 14.54 -9.81
CA PRO A 361 12.92 15.15 -9.14
C PRO A 361 14.29 14.80 -9.61
N HIS A 362 14.43 13.59 -10.11
CA HIS A 362 15.73 13.11 -10.57
C HIS A 362 16.07 13.47 -12.02
N ALA A 363 15.14 14.05 -12.76
CA ALA A 363 15.44 14.36 -14.15
C ALA A 363 16.27 15.61 -14.31
N ASN A 364 17.15 15.57 -15.30
CA ASN A 364 17.98 16.71 -15.60
C ASN A 364 17.05 17.54 -16.48
N ASP A 365 17.52 18.67 -16.97
CA ASP A 365 16.68 19.52 -17.79
C ASP A 365 16.17 18.87 -19.06
N LEU A 366 17.02 18.14 -19.75
CA LEU A 366 16.58 17.50 -20.97
C LEU A 366 15.46 16.53 -20.61
N GLY A 367 15.57 15.95 -19.42
CA GLY A 367 14.55 15.04 -18.96
C GLY A 367 13.25 15.75 -18.75
N LEU A 368 13.26 16.84 -17.98
CA LEU A 368 12.05 17.60 -17.73
C LEU A 368 11.51 18.14 -19.03
N ASP A 369 12.36 18.20 -20.05
CA ASP A 369 11.92 18.69 -21.35
C ASP A 369 11.22 17.56 -22.05
N ALA A 370 11.70 16.34 -21.86
CA ALA A 370 11.01 15.22 -22.50
C ALA A 370 9.65 15.07 -21.86
N VAL A 371 9.55 15.12 -20.53
CA VAL A 371 8.24 14.96 -19.91
C VAL A 371 7.28 16.01 -20.42
N THR A 372 7.65 17.28 -20.32
CA THR A 372 6.81 18.36 -20.81
C THR A 372 6.37 18.21 -22.29
N LEU A 373 7.27 17.80 -23.17
CA LEU A 373 6.89 17.61 -24.58
C LEU A 373 5.83 16.55 -24.76
N GLN A 374 5.88 15.53 -23.91
CA GLN A 374 4.98 14.40 -23.98
C GLN A 374 3.61 14.71 -23.38
N TYR A 375 3.61 15.46 -22.28
CA TYR A 375 2.35 15.79 -21.60
C TYR A 375 1.72 17.15 -21.89
N THR A 376 2.18 17.79 -22.94
CA THR A 376 1.67 19.08 -23.30
C THR A 376 0.95 19.09 -24.64
N ASP A 377 -0.17 19.78 -24.67
CA ASP A 377 -0.94 19.92 -25.86
C ASP A 377 -0.43 21.21 -26.49
N TRP A 378 0.62 21.13 -27.32
CA TRP A 378 1.20 22.32 -27.96
C TRP A 378 0.25 23.12 -28.77
N MET A 379 -0.92 22.58 -29.06
CA MET A 379 -1.87 23.34 -29.85
C MET A 379 -2.87 24.03 -28.93
N ASP A 380 -2.61 24.02 -27.63
CA ASP A 380 -3.53 24.61 -26.66
C ASP A 380 -2.77 24.56 -25.35
N ASP A 381 -1.54 25.08 -25.39
CA ASP A 381 -0.67 25.07 -24.23
C ASP A 381 -0.97 25.97 -23.07
N ASN A 382 -1.97 26.82 -23.18
CA ASN A 382 -2.25 27.68 -22.02
C ASN A 382 -3.60 27.38 -21.42
N ASN A 383 -4.06 26.14 -21.64
CA ASN A 383 -5.33 25.67 -21.11
C ASN A 383 -5.00 25.27 -19.68
N GLY A 384 -5.84 25.63 -18.75
CA GLY A 384 -5.52 25.32 -17.36
C GLY A 384 -5.99 23.94 -17.03
N ILE A 385 -7.11 23.56 -17.61
CA ILE A 385 -7.68 22.25 -17.40
C ILE A 385 -6.68 21.26 -17.95
N LYS A 386 -6.23 21.44 -19.17
CA LYS A 386 -5.26 20.51 -19.73
C LYS A 386 -3.93 20.46 -19.00
N ASN A 387 -3.50 21.57 -18.43
CA ASN A 387 -2.23 21.55 -17.73
C ASN A 387 -2.37 20.83 -16.41
N ARG A 388 -3.55 20.95 -15.80
CA ARG A 388 -3.87 20.32 -14.51
C ARG A 388 -3.91 18.80 -14.70
N ASP A 389 -4.78 18.37 -15.61
CA ASP A 389 -4.95 16.96 -15.93
C ASP A 389 -3.64 16.39 -16.43
N GLY A 390 -2.92 17.13 -17.24
CA GLY A 390 -1.65 16.64 -17.75
C GLY A 390 -0.70 16.39 -16.60
N LEU A 391 -0.72 17.23 -15.59
CA LEU A 391 0.18 17.08 -14.47
C LEU A 391 -0.30 15.89 -13.65
N ASP A 392 -1.60 15.69 -13.67
CA ASP A 392 -2.18 14.60 -12.90
C ASP A 392 -1.71 13.25 -13.49
N ASP A 393 -1.68 13.16 -14.82
CA ASP A 393 -1.24 11.96 -15.50
C ASP A 393 0.24 11.75 -15.31
N ILE A 394 1.03 12.82 -15.20
CA ILE A 394 2.48 12.69 -15.00
C ILE A 394 2.73 12.06 -13.65
N VAL A 395 2.13 12.62 -12.61
CA VAL A 395 2.33 12.09 -11.27
C VAL A 395 1.94 10.63 -11.18
N GLY A 396 0.78 10.28 -11.74
CA GLY A 396 0.29 8.92 -11.71
C GLY A 396 1.03 7.92 -12.60
N ASP A 397 1.24 8.28 -13.87
CA ASP A 397 1.94 7.43 -14.81
C ASP A 397 3.31 7.14 -14.29
N HIS A 398 4.03 8.17 -13.87
CA HIS A 398 5.37 7.97 -13.38
C HIS A 398 5.48 7.20 -12.11
N ASN A 399 4.60 7.47 -11.15
CA ASN A 399 4.67 6.81 -9.85
C ASN A 399 3.88 5.56 -9.57
N VAL A 400 2.84 5.30 -10.36
CA VAL A 400 2.03 4.13 -10.10
C VAL A 400 1.73 3.32 -11.33
N ILE A 401 1.07 3.92 -12.30
CA ILE A 401 0.67 3.20 -13.49
C ILE A 401 1.83 2.63 -14.26
N CYS A 402 2.89 3.36 -14.52
CA CYS A 402 3.92 2.73 -15.31
C CYS A 402 4.85 1.77 -14.62
N PRO A 403 5.09 1.95 -13.32
CA PRO A 403 5.99 0.98 -12.72
C PRO A 403 5.18 -0.31 -12.57
N LEU A 404 3.88 -0.18 -12.33
CA LEU A 404 3.04 -1.36 -12.20
C LEU A 404 3.00 -2.06 -13.53
N MET A 405 2.91 -1.33 -14.63
CA MET A 405 2.86 -2.00 -15.93
C MET A 405 4.14 -2.72 -16.22
N HIS A 406 5.24 -2.24 -15.69
CA HIS A 406 6.51 -2.88 -15.91
C HIS A 406 6.50 -4.22 -15.16
N PHE A 407 6.07 -4.20 -13.91
CA PHE A 407 6.00 -5.39 -13.08
C PHE A 407 5.09 -6.41 -13.73
N VAL A 408 3.89 -6.01 -14.09
CA VAL A 408 2.97 -6.93 -14.67
C VAL A 408 3.52 -7.55 -15.93
N ASN A 409 4.28 -6.82 -16.72
CA ASN A 409 4.82 -7.40 -17.95
C ASN A 409 6.00 -8.30 -17.69
N LYS A 410 6.74 -8.03 -16.64
CA LYS A 410 7.91 -8.84 -16.30
C LYS A 410 7.44 -10.11 -15.57
N TYR A 411 6.56 -9.92 -14.59
CA TYR A 411 6.03 -11.02 -13.85
C TYR A 411 5.34 -11.99 -14.78
N THR A 412 4.42 -11.49 -15.58
CA THR A 412 3.68 -12.36 -16.46
C THR A 412 4.53 -13.31 -17.28
N LYS A 413 5.73 -12.88 -17.63
CA LYS A 413 6.60 -13.75 -18.40
C LYS A 413 6.76 -15.07 -17.61
N PHE A 414 6.95 -14.98 -16.29
CA PHE A 414 7.12 -16.15 -15.43
C PHE A 414 5.96 -16.50 -14.49
N GLY A 415 4.90 -15.73 -14.45
CA GLY A 415 3.85 -16.02 -13.49
C GLY A 415 2.85 -17.07 -13.90
N ASN A 416 1.85 -17.31 -13.07
CA ASN A 416 0.89 -18.33 -13.42
C ASN A 416 -0.52 -17.72 -13.51
N GLY A 417 -0.64 -16.55 -14.12
CA GLY A 417 -1.95 -15.94 -14.23
C GLY A 417 -1.96 -14.54 -13.69
N THR A 418 -2.12 -13.57 -14.58
CA THR A 418 -2.14 -12.19 -14.19
C THR A 418 -3.48 -11.60 -14.58
N TYR A 419 -4.14 -10.88 -13.68
CA TYR A 419 -5.44 -10.26 -14.00
C TYR A 419 -5.30 -8.77 -13.71
N LEU A 420 -5.60 -7.92 -14.69
CA LEU A 420 -5.40 -6.49 -14.52
C LEU A 420 -6.63 -5.63 -14.66
N TYR A 421 -6.88 -4.73 -13.72
CA TYR A 421 -8.04 -3.85 -13.83
C TYR A 421 -7.64 -2.38 -13.88
N PHE A 422 -8.56 -1.55 -14.33
CA PHE A 422 -8.34 -0.12 -14.36
C PHE A 422 -9.57 0.38 -13.70
N PHE A 423 -9.43 0.83 -12.47
CA PHE A 423 -10.58 1.32 -11.74
C PHE A 423 -10.85 2.78 -12.16
N ASN A 424 -12.04 3.04 -12.65
CA ASN A 424 -12.34 4.40 -13.04
C ASN A 424 -13.72 4.86 -12.65
N HIS A 425 -14.06 4.72 -11.38
CA HIS A 425 -15.35 5.14 -10.88
C HIS A 425 -15.16 6.10 -9.73
N ARG A 426 -15.81 7.26 -9.82
CA ARG A 426 -15.72 8.24 -8.75
C ARG A 426 -16.92 7.99 -7.87
N ALA A 427 -16.71 7.65 -6.61
CA ALA A 427 -17.83 7.37 -5.73
C ALA A 427 -18.79 8.52 -5.80
N SER A 428 -20.08 8.25 -5.70
CA SER A 428 -21.07 9.30 -5.78
C SER A 428 -20.94 10.28 -4.61
N ASN A 429 -20.55 9.75 -3.45
CA ASN A 429 -20.46 10.58 -2.25
C ASN A 429 -19.07 11.07 -1.88
N LEU A 430 -18.18 11.20 -2.86
CA LEU A 430 -16.83 11.63 -2.57
C LEU A 430 -16.84 13.10 -2.16
N VAL A 431 -16.14 13.47 -1.09
CA VAL A 431 -16.11 14.87 -0.66
C VAL A 431 -14.86 15.58 -1.13
N TRP A 432 -14.24 15.10 -2.21
CA TRP A 432 -13.03 15.73 -2.72
C TRP A 432 -13.45 16.41 -4.01
N PRO A 433 -12.75 17.49 -4.39
CA PRO A 433 -13.14 18.15 -5.62
C PRO A 433 -13.11 17.30 -6.86
N GLU A 434 -14.10 17.52 -7.71
CA GLU A 434 -14.24 16.81 -8.96
C GLU A 434 -12.96 16.70 -9.76
N TRP A 435 -12.11 17.72 -9.68
CA TRP A 435 -10.88 17.75 -10.48
C TRP A 435 -9.94 16.64 -10.12
N MET A 436 -10.14 16.10 -8.93
CA MET A 436 -9.29 15.06 -8.47
C MET A 436 -9.61 13.71 -9.04
N GLY A 437 -10.79 13.58 -9.66
CA GLY A 437 -11.19 12.32 -10.30
C GLY A 437 -11.35 11.07 -9.46
N VAL A 438 -10.90 9.94 -10.01
CA VAL A 438 -10.96 8.65 -9.31
C VAL A 438 -9.63 8.61 -8.58
N ILE A 439 -9.67 9.05 -7.33
CA ILE A 439 -8.50 9.19 -6.48
C ILE A 439 -7.87 7.94 -5.89
N HIS A 440 -6.57 8.07 -5.66
CA HIS A 440 -5.72 7.06 -5.07
C HIS A 440 -6.45 6.72 -3.81
N GLY A 441 -6.60 5.42 -3.55
CA GLY A 441 -7.25 4.95 -2.34
C GLY A 441 -8.75 4.88 -2.37
N TYR A 442 -9.34 5.24 -3.48
CA TYR A 442 -10.77 5.21 -3.50
C TYR A 442 -11.43 3.97 -4.06
N GLU A 443 -10.63 2.94 -4.31
CA GLU A 443 -11.18 1.66 -4.75
C GLU A 443 -11.30 0.87 -3.48
N ILE A 444 -10.43 1.16 -2.52
CA ILE A 444 -10.43 0.47 -1.23
C ILE A 444 -11.82 0.31 -0.68
N GLU A 445 -12.58 1.38 -0.62
CA GLU A 445 -13.91 1.32 -0.05
C GLU A 445 -14.86 0.44 -0.78
N PHE A 446 -14.59 0.15 -2.04
CA PHE A 446 -15.48 -0.73 -2.78
C PHE A 446 -15.07 -2.15 -2.51
N VAL A 447 -13.77 -2.35 -2.38
CA VAL A 447 -13.20 -3.65 -2.12
C VAL A 447 -13.60 -4.13 -0.73
N PHE A 448 -13.85 -3.24 0.19
CA PHE A 448 -14.22 -3.71 1.52
C PHE A 448 -15.69 -3.66 1.78
N GLY A 449 -16.48 -3.38 0.76
CA GLY A 449 -17.93 -3.38 0.87
C GLY A 449 -18.68 -2.28 1.62
N LEU A 450 -18.09 -1.10 1.78
CA LEU A 450 -18.79 -0.02 2.46
C LEU A 450 -20.01 0.33 1.63
N PRO A 451 -19.92 0.28 0.30
CA PRO A 451 -21.12 0.61 -0.45
C PRO A 451 -22.35 -0.20 -0.11
N LEU A 452 -22.25 -1.14 0.82
CA LEU A 452 -23.39 -1.97 1.18
C LEU A 452 -24.13 -1.35 2.32
N VAL A 453 -23.41 -0.66 3.20
CA VAL A 453 -24.05 -0.01 4.32
C VAL A 453 -24.76 1.27 3.82
N LYS A 454 -26.07 1.19 3.68
CA LYS A 454 -26.92 2.30 3.18
C LYS A 454 -26.75 3.63 3.90
N GLU A 455 -26.46 3.60 5.19
CA GLU A 455 -26.32 4.84 5.90
C GLU A 455 -25.13 5.59 5.37
N LEU A 456 -24.51 5.09 4.29
CA LEU A 456 -23.35 5.74 3.71
C LEU A 456 -23.69 6.47 2.41
N ASN A 457 -24.91 6.28 1.95
CA ASN A 457 -25.36 6.99 0.76
C ASN A 457 -24.68 6.63 -0.55
N TYR A 458 -24.34 5.38 -0.79
CA TYR A 458 -23.77 5.13 -2.11
C TYR A 458 -25.01 4.82 -2.90
N THR A 459 -24.86 4.70 -4.22
CA THR A 459 -25.98 4.42 -5.11
C THR A 459 -26.14 2.93 -5.39
N ALA A 460 -27.34 2.52 -5.80
CA ALA A 460 -27.63 1.12 -6.07
C ALA A 460 -26.56 0.47 -6.95
N GLU A 461 -26.20 1.16 -8.03
CA GLU A 461 -25.23 0.61 -8.95
C GLU A 461 -23.86 0.54 -8.33
N GLU A 462 -23.63 1.37 -7.33
CA GLU A 462 -22.35 1.35 -6.67
C GLU A 462 -22.34 0.18 -5.76
N GLU A 463 -23.51 -0.16 -5.20
CA GLU A 463 -23.60 -1.31 -4.32
C GLU A 463 -23.29 -2.47 -5.20
N ALA A 464 -23.89 -2.47 -6.38
CA ALA A 464 -23.67 -3.53 -7.34
C ALA A 464 -22.19 -3.67 -7.46
N LEU A 465 -21.55 -2.63 -7.97
CA LEU A 465 -20.11 -2.65 -8.17
C LEU A 465 -19.31 -3.14 -6.99
N SER A 466 -19.73 -2.84 -5.77
CA SER A 466 -18.94 -3.30 -4.66
C SER A 466 -18.97 -4.80 -4.68
N ARG A 467 -20.17 -5.36 -4.59
CA ARG A 467 -20.37 -6.79 -4.57
C ARG A 467 -19.57 -7.49 -5.65
N ARG A 468 -19.50 -6.93 -6.85
CA ARG A 468 -18.72 -7.54 -7.92
C ARG A 468 -17.28 -7.51 -7.55
N ILE A 469 -16.80 -6.39 -7.01
CA ILE A 469 -15.40 -6.31 -6.66
C ILE A 469 -15.08 -7.26 -5.52
N MET A 470 -15.93 -7.35 -4.51
CA MET A 470 -15.66 -8.27 -3.42
C MET A 470 -15.65 -9.70 -3.95
N HIS A 471 -16.49 -9.98 -4.93
CA HIS A 471 -16.53 -11.33 -5.48
C HIS A 471 -15.29 -11.59 -6.30
N TYR A 472 -14.91 -10.67 -7.16
CA TYR A 472 -13.69 -10.83 -7.95
C TYR A 472 -12.51 -11.11 -7.02
N TRP A 473 -12.39 -10.29 -5.98
CA TRP A 473 -11.31 -10.42 -5.02
C TRP A 473 -11.36 -11.74 -4.25
N ALA A 474 -12.51 -12.09 -3.69
CA ALA A 474 -12.68 -13.32 -2.91
C ALA A 474 -12.54 -14.49 -3.83
N THR A 475 -13.32 -14.51 -4.91
CA THR A 475 -13.22 -15.59 -5.88
C THR A 475 -11.80 -15.74 -6.46
N PHE A 476 -10.99 -14.70 -6.45
CA PHE A 476 -9.62 -14.85 -6.96
C PHE A 476 -8.82 -15.51 -5.85
N ALA A 477 -9.03 -15.07 -4.62
CA ALA A 477 -8.33 -15.58 -3.48
C ALA A 477 -8.43 -17.10 -3.38
N LYS A 478 -9.67 -17.60 -3.49
CA LYS A 478 -9.98 -19.03 -3.37
C LYS A 478 -9.51 -19.90 -4.52
N THR A 479 -9.52 -19.37 -5.73
CA THR A 479 -9.19 -20.16 -6.90
C THR A 479 -8.08 -19.72 -7.82
N GLY A 480 -7.58 -18.51 -7.65
CA GLY A 480 -6.56 -18.05 -8.55
C GLY A 480 -7.14 -17.47 -9.83
N ASN A 481 -8.46 -17.31 -9.85
CA ASN A 481 -9.19 -16.74 -10.99
C ASN A 481 -10.36 -15.89 -10.49
N PRO A 482 -10.54 -14.65 -11.00
CA PRO A 482 -11.64 -13.81 -10.55
C PRO A 482 -13.04 -14.21 -10.96
N ASN A 483 -13.16 -14.88 -12.09
CA ASN A 483 -14.48 -15.30 -12.60
C ASN A 483 -14.90 -16.61 -12.00
N GLU A 484 -16.20 -16.85 -11.82
CA GLU A 484 -16.66 -18.14 -11.28
C GLU A 484 -16.09 -19.35 -12.10
N SER A 490 -18.77 -12.40 -19.48
CA SER A 490 -18.54 -11.54 -18.28
C SER A 490 -17.15 -11.84 -17.81
N LYS A 491 -16.36 -12.45 -18.69
CA LYS A 491 -15.03 -12.82 -18.27
C LYS A 491 -14.00 -11.72 -18.20
N TRP A 492 -13.27 -11.71 -17.10
CA TRP A 492 -12.21 -10.77 -16.93
C TRP A 492 -11.05 -11.53 -17.56
N PRO A 493 -10.62 -11.14 -18.77
CA PRO A 493 -9.53 -11.79 -19.47
C PRO A 493 -8.28 -11.94 -18.65
N LEU A 494 -7.47 -12.90 -19.01
CA LEU A 494 -6.22 -13.14 -18.34
C LEU A 494 -5.32 -12.17 -19.08
N PHE A 495 -4.38 -11.57 -18.40
CA PHE A 495 -3.51 -10.62 -19.04
C PHE A 495 -2.35 -11.42 -19.57
N THR A 496 -2.00 -11.23 -20.84
CA THR A 496 -0.86 -11.89 -21.43
C THR A 496 0.04 -10.82 -22.06
N THR A 497 1.34 -11.07 -22.12
CA THR A 497 2.24 -10.10 -22.68
C THR A 497 1.86 -9.85 -24.12
N LYS A 498 1.37 -10.87 -24.78
CA LYS A 498 1.01 -10.69 -26.18
C LYS A 498 -0.19 -9.78 -26.44
N GLU A 499 -1.31 -10.05 -25.74
CA GLU A 499 -2.55 -9.30 -25.94
C GLU A 499 -2.70 -8.15 -24.96
N GLN A 500 -2.17 -8.32 -23.77
CA GLN A 500 -2.22 -7.27 -22.77
C GLN A 500 -3.61 -6.85 -22.33
N LYS A 501 -4.58 -7.72 -22.30
CA LYS A 501 -5.92 -7.32 -21.90
C LYS A 501 -6.06 -6.97 -20.42
N PHE A 502 -7.02 -6.11 -20.14
CA PHE A 502 -7.34 -5.70 -18.78
C PHE A 502 -8.77 -5.28 -18.89
N ILE A 503 -9.40 -4.97 -17.76
CA ILE A 503 -10.80 -4.53 -17.74
C ILE A 503 -11.03 -3.27 -16.91
N ASP A 504 -12.10 -2.55 -17.24
CA ASP A 504 -12.50 -1.37 -16.51
C ASP A 504 -13.26 -1.93 -15.36
N LEU A 505 -13.28 -1.19 -14.26
CA LEU A 505 -13.99 -1.64 -13.10
C LEU A 505 -14.84 -0.44 -12.65
N ASN A 506 -16.03 -0.28 -13.22
CA ASN A 506 -16.90 0.82 -12.85
C ASN A 506 -18.32 0.33 -13.00
N THR A 507 -19.28 1.12 -12.55
CA THR A 507 -20.68 0.73 -12.59
C THR A 507 -21.31 0.50 -13.95
N GLU A 508 -20.54 0.62 -15.02
CA GLU A 508 -21.08 0.39 -16.35
C GLU A 508 -20.79 -1.07 -16.69
N PRO A 509 -21.36 -1.56 -17.81
CA PRO A 509 -21.09 -2.96 -18.16
C PRO A 509 -19.61 -3.03 -18.48
N MET A 510 -18.86 -3.85 -17.72
CA MET A 510 -17.42 -3.97 -17.93
C MET A 510 -17.09 -4.09 -19.40
N LYS A 511 -15.84 -3.75 -19.73
CA LYS A 511 -15.38 -3.82 -21.08
C LYS A 511 -13.91 -4.17 -20.99
N VAL A 512 -13.41 -4.83 -22.02
CA VAL A 512 -12.02 -5.26 -22.01
C VAL A 512 -11.24 -4.35 -22.92
N HIS A 513 -10.01 -4.02 -22.56
CA HIS A 513 -9.17 -3.18 -23.38
C HIS A 513 -7.80 -3.81 -23.39
N GLN A 514 -6.86 -3.22 -24.10
CA GLN A 514 -5.53 -3.78 -24.15
C GLN A 514 -4.51 -2.68 -24.01
N ARG A 515 -3.33 -3.04 -23.54
CA ARG A 515 -2.28 -2.06 -23.47
C ARG A 515 -2.60 -0.79 -22.66
N LEU A 516 -2.74 -0.96 -21.35
CA LEU A 516 -3.02 0.16 -20.44
C LEU A 516 -1.88 1.15 -20.58
N ARG A 517 -2.22 2.36 -21.03
CA ARG A 517 -1.27 3.47 -21.22
C ARG A 517 0.07 3.07 -21.79
N VAL A 518 0.06 2.50 -23.00
CA VAL A 518 1.31 2.07 -23.61
C VAL A 518 2.18 3.22 -24.03
N GLN A 519 1.60 4.15 -24.78
CA GLN A 519 2.29 5.33 -25.29
C GLN A 519 3.13 5.88 -24.17
N MET A 520 2.46 6.31 -23.12
CA MET A 520 3.13 6.87 -21.98
C MET A 520 4.12 5.93 -21.30
N CYS A 521 3.72 4.71 -20.99
CA CYS A 521 4.65 3.82 -20.31
C CYS A 521 5.88 3.43 -21.11
N VAL A 522 5.82 3.50 -22.43
CA VAL A 522 7.04 3.21 -23.16
C VAL A 522 7.95 4.38 -22.84
N PHE A 523 7.38 5.58 -22.75
CA PHE A 523 8.10 6.80 -22.44
C PHE A 523 8.79 6.68 -21.10
N TRP A 524 8.03 6.41 -20.06
CA TRP A 524 8.60 6.29 -18.72
C TRP A 524 9.44 5.05 -18.47
N ASN A 525 9.00 3.90 -18.98
CA ASN A 525 9.73 2.67 -18.72
C ASN A 525 10.86 2.40 -19.66
N GLN A 526 10.77 2.87 -20.88
CA GLN A 526 11.84 2.64 -21.82
C GLN A 526 12.62 3.89 -22.23
N PHE A 527 11.95 4.92 -22.75
CA PHE A 527 12.65 6.12 -23.21
C PHE A 527 13.29 7.00 -22.16
N LEU A 528 12.51 7.45 -21.19
CA LEU A 528 13.07 8.32 -20.19
C LEU A 528 14.36 7.80 -19.56
N PRO A 529 14.35 6.61 -18.92
CA PRO A 529 15.57 6.09 -18.32
C PRO A 529 16.72 6.01 -19.30
N LYS A 530 16.41 5.77 -20.55
CA LYS A 530 17.47 5.70 -21.53
C LYS A 530 18.02 7.09 -21.72
N LEU A 531 17.12 8.06 -21.78
CA LEU A 531 17.50 9.45 -21.96
C LEU A 531 18.39 9.88 -20.82
N LEU A 532 17.87 9.75 -19.60
CA LEU A 532 18.59 10.17 -18.41
C LEU A 532 19.88 9.44 -18.20
N ASN A 533 20.08 8.31 -18.85
CA ASN A 533 21.33 7.58 -18.68
C ASN A 533 22.32 8.15 -19.69
N ALA A 534 21.85 8.44 -20.89
CA ALA A 534 22.74 8.99 -21.88
C ALA A 534 23.30 10.29 -21.38
N THR A 535 22.43 11.23 -21.06
CA THR A 535 22.88 12.55 -20.63
C THR A 535 23.55 12.49 -19.26
N1 ACH B . -3.62 7.63 0.60
C2 ACH B . -2.48 7.28 -0.33
C3 ACH B . -1.68 5.97 -0.22
O4 ACH B . -0.47 6.08 -0.99
C5 ACH B . 0.51 5.07 -1.30
O7 ACH B . 0.87 4.38 -0.16
C6 ACH B . 1.71 5.85 -1.85
C8 ACH B . -4.12 9.00 0.26
C9 ACH B . -4.77 6.69 0.44
C10 ACH B . -3.15 7.61 2.04
#